data_6P45
#
_entry.id   6P45
#
_cell.length_a   59.280
_cell.length_b   59.280
_cell.length_c   63.332
_cell.angle_alpha   90.00
_cell.angle_beta   90.00
_cell.angle_gamma   120.00
#
_symmetry.space_group_name_H-M   'P 63'
#
loop_
_entity.id
_entity.type
_entity.pdbx_description
1 polymer "DNA (5'-D(P*TP*GP*GP*GP*TP*TP*GP*GP*GP*TP*TP*GP*GP*GP*TP*TP*GP*GP*GP*T)-3')"
2 non-polymer 'POTASSIUM ION'
3 non-polymer N-METHYLMESOPORPHYRIN
4 water water
#
_entity_poly.entity_id   1
_entity_poly.type   'polydeoxyribonucleotide'
_entity_poly.pdbx_seq_one_letter_code
;(DT)(DG)(DG)(DG)(DT)(DT)(DG)(DG)(DG)(DT)(DT)(DG)(DG)(DG)(DT)(DT)(DG)(DG)(DG)(DT)
;
_entity_poly.pdbx_strand_id   A,B
#